data_5WZI
#
_entry.id   5WZI
#
_cell.length_a   190.497
_cell.length_b   190.497
_cell.length_c   45.727
_cell.angle_alpha   90.000
_cell.angle_beta   90.000
_cell.angle_gamma   120.000
#
_symmetry.space_group_name_H-M   'P 65'
#
loop_
_entity.id
_entity.type
_entity.pdbx_description
1 polymer 'Pumilio homolog 23'
2 polymer "RNA (5'-R(*GP*GP*AP*GP*UP*UP*GP*AP*CP*GP*G)-3')"
3 water water
#
loop_
_entity_poly.entity_id
_entity_poly.type
_entity_poly.pdbx_seq_one_letter_code
_entity_poly.pdbx_strand_id
1 'polypeptide(L)'
;MGSSHHHHHHMRKEIDPETSKYFSEIANLFDSNEVELEERSVICGNALEETRGREYEIATDYIISHVLQTLLEGCELDQL
CSFIRNSASVFPAIAMDRSGSHVAESALKSLATHLENPDAYSVIEEALHSICKVIVDNPLDMMCNCYGSHVLRRLLCLCK
GVSLDSPELYGAKSSKALAKRLNLKMSQLDDNNLEIPHQGFPGMLTYLLSGLLSCSREDMKYLQVDQYSSLVLQTALRLM
LKQDEQLLEIIPLILRCNSTNKKVEGFHIETNVAKEILESMKDNSFSHLVEVILEVAPESLYNEMFNKVFKNSLFELSVD
RCANFVIQALISHARDQEQMGIMWEELAPRFKDLLEQGKSGVVASLIAVSQRLQSHENKCCEALVGAVCSTNESRISILP
RLLFLDYYFGCRDKSTWEWAPGAKMHVMGCLILQGIFKFSSDHIQPYITSLTSMKAEYITETAKDSSGARVIEAFLASDA
ATKQKRRLIIKLRGHFGELSLHTSGSFTVEKCFDACNLTLREAIASELLDVKVDLSKTKQGPYLLRKLDIDGYASRPDQW
KSRQEAKQSTYNEFCSAFGSNK
;
A
2 'polyribonucleotide' GGAGUUGACGG B
#
# COMPACT_ATOMS: atom_id res chain seq x y z
N ILE A 15 -35.85 22.88 -9.94
CA ILE A 15 -35.01 23.27 -11.08
C ILE A 15 -35.87 23.72 -12.28
N ASP A 16 -36.03 25.03 -12.44
CA ASP A 16 -36.77 25.60 -13.55
C ASP A 16 -35.84 25.85 -14.74
N PRO A 17 -36.41 26.22 -15.91
CA PRO A 17 -35.55 26.49 -17.07
C PRO A 17 -34.70 27.75 -16.95
N GLU A 18 -35.13 28.78 -16.22
CA GLU A 18 -34.25 29.93 -16.04
C GLU A 18 -33.01 29.55 -15.23
N THR A 19 -33.18 28.67 -14.25
CA THR A 19 -32.04 28.19 -13.47
C THR A 19 -31.11 27.35 -14.34
N SER A 20 -31.65 26.38 -15.08
CA SER A 20 -30.80 25.59 -15.96
C SER A 20 -30.11 26.47 -16.98
N LYS A 21 -30.88 27.37 -17.62
CA LYS A 21 -30.31 28.24 -18.65
C LYS A 21 -29.11 29.00 -18.10
N TYR A 22 -29.30 29.63 -16.94
CA TYR A 22 -28.27 30.47 -16.34
C TYR A 22 -27.00 29.66 -16.04
N PHE A 23 -27.13 28.46 -15.47
CA PHE A 23 -25.94 27.71 -15.10
C PHE A 23 -25.26 27.11 -16.32
N SER A 24 -26.05 26.69 -17.32
CA SER A 24 -25.46 26.35 -18.61
C SER A 24 -24.66 27.51 -19.18
N GLU A 25 -25.23 28.72 -19.16
CA GLU A 25 -24.56 29.86 -19.79
C GLU A 25 -23.27 30.22 -19.08
N ILE A 26 -23.22 30.06 -17.74
CA ILE A 26 -21.95 30.23 -17.02
C ILE A 26 -20.94 29.15 -17.44
N ALA A 27 -21.38 27.88 -17.48
CA ALA A 27 -20.50 26.78 -17.90
C ALA A 27 -19.86 27.07 -19.24
N ASN A 28 -20.65 27.52 -20.21
CA ASN A 28 -20.15 27.76 -21.57
C ASN A 28 -19.22 28.97 -21.64
N LEU A 29 -19.37 29.93 -20.74
CA LEU A 29 -18.45 31.07 -20.69
C LEU A 29 -17.04 30.64 -20.29
N PHE A 30 -16.90 29.59 -19.47
CA PHE A 30 -15.57 29.16 -19.06
C PHE A 30 -14.86 28.33 -20.12
N ASP A 31 -15.61 27.64 -20.97
CA ASP A 31 -15.05 26.92 -22.12
C ASP A 31 -14.43 27.88 -23.14
N SER A 32 -13.60 28.82 -22.68
CA SER A 32 -12.88 29.74 -23.57
C SER A 32 -11.56 30.18 -22.92
N GLU A 34 -11.34 33.18 -23.37
CA GLU A 34 -11.74 34.55 -23.61
C GLU A 34 -11.92 35.33 -22.30
N VAL A 35 -11.84 34.62 -21.17
CA VAL A 35 -12.02 35.22 -19.85
C VAL A 35 -10.86 34.81 -18.95
N GLU A 36 -10.07 35.79 -18.51
CA GLU A 36 -8.86 35.54 -17.74
C GLU A 36 -9.22 35.12 -16.31
N LEU A 37 -8.20 34.63 -15.59
CA LEU A 37 -8.43 33.97 -14.31
C LEU A 37 -8.94 34.92 -13.23
N GLU A 38 -8.53 36.19 -13.25
CA GLU A 38 -8.99 37.13 -12.21
C GLU A 38 -10.50 37.40 -12.35
N GLU A 39 -11.00 37.50 -13.59
CA GLU A 39 -12.43 37.64 -13.81
C GLU A 39 -13.18 36.32 -13.57
N ARG A 40 -12.53 35.20 -13.90
CA ARG A 40 -13.14 33.88 -13.78
C ARG A 40 -13.64 33.62 -12.37
N SER A 41 -12.89 34.05 -11.35
CA SER A 41 -13.22 33.74 -9.97
C SER A 41 -14.27 34.67 -9.37
N VAL A 42 -14.44 35.86 -9.93
CA VAL A 42 -15.52 36.72 -9.43
C VAL A 42 -16.86 36.26 -10.01
N ILE A 43 -16.86 35.84 -11.29
CA ILE A 43 -18.04 35.20 -11.87
C ILE A 43 -18.40 33.93 -11.10
N CYS A 44 -17.40 33.15 -10.68
CA CYS A 44 -17.68 31.92 -9.93
C CYS A 44 -18.45 32.23 -8.65
N GLY A 45 -18.14 33.34 -8.00
CA GLY A 45 -18.81 33.70 -6.77
C GLY A 45 -20.16 34.36 -6.94
N ASN A 46 -20.31 35.22 -7.96
CA ASN A 46 -21.63 35.81 -8.19
C ASN A 46 -22.66 34.75 -8.53
N ALA A 47 -22.21 33.65 -9.13
CA ALA A 47 -23.07 32.55 -9.50
C ALA A 47 -23.42 31.69 -8.29
N LEU A 48 -22.46 31.44 -7.40
CA LEU A 48 -22.77 30.71 -6.18
C LEU A 48 -23.86 31.39 -5.37
N GLU A 49 -23.95 32.72 -5.42
CA GLU A 49 -25.07 33.41 -4.76
C GLU A 49 -26.41 33.02 -5.37
N GLU A 50 -26.43 32.60 -6.64
CA GLU A 50 -27.65 32.08 -7.27
C GLU A 50 -28.08 30.72 -6.74
N THR A 51 -27.31 30.11 -5.83
CA THR A 51 -27.71 28.85 -5.23
C THR A 51 -28.40 29.04 -3.89
N ARG A 52 -28.40 30.27 -3.35
CA ARG A 52 -28.93 30.50 -2.00
C ARG A 52 -30.38 30.05 -1.90
N GLY A 53 -30.68 29.25 -0.86
CA GLY A 53 -32.00 28.69 -0.67
C GLY A 53 -32.34 27.51 -1.56
N ARG A 54 -31.45 27.14 -2.49
CA ARG A 54 -31.66 26.04 -3.43
C ARG A 54 -30.50 25.07 -3.42
N GLU A 55 -29.66 25.10 -2.38
CA GLU A 55 -28.40 24.36 -2.42
C GLU A 55 -28.61 22.88 -2.68
N TYR A 56 -29.59 22.26 -2.02
CA TYR A 56 -29.82 20.83 -2.22
C TYR A 56 -30.27 20.54 -3.66
N GLU A 57 -31.19 21.36 -4.19
CA GLU A 57 -31.73 21.11 -5.53
C GLU A 57 -30.63 21.21 -6.59
N ILE A 58 -29.81 22.25 -6.50
CA ILE A 58 -28.76 22.47 -7.49
C ILE A 58 -27.69 21.38 -7.36
N ALA A 59 -27.19 21.19 -6.13
CA ALA A 59 -26.09 20.26 -5.92
C ALA A 59 -26.46 18.83 -6.27
N THR A 60 -27.72 18.44 -6.16
CA THR A 60 -28.12 17.06 -6.47
C THR A 60 -28.67 16.89 -7.88
N ASP A 61 -28.71 17.95 -8.68
CA ASP A 61 -29.18 17.80 -10.03
C ASP A 61 -28.14 17.06 -10.86
N TYR A 62 -28.57 16.08 -11.65
CA TYR A 62 -27.60 15.23 -12.34
C TYR A 62 -26.78 16.01 -13.37
N ILE A 63 -27.26 17.16 -13.83
CA ILE A 63 -26.55 17.94 -14.83
C ILE A 63 -25.88 19.15 -14.17
N ILE A 64 -26.67 19.99 -13.51
CA ILE A 64 -26.13 21.23 -12.96
C ILE A 64 -25.10 21.00 -11.87
N SER A 65 -25.15 19.84 -11.19
CA SER A 65 -24.17 19.60 -10.14
C SER A 65 -22.75 19.67 -10.67
N HIS A 66 -22.53 19.30 -11.94
CA HIS A 66 -21.18 19.38 -12.50
C HIS A 66 -20.72 20.82 -12.63
N VAL A 67 -21.64 21.73 -12.96
CA VAL A 67 -21.27 23.13 -13.03
C VAL A 67 -20.97 23.66 -11.63
N LEU A 68 -21.76 23.22 -10.65
CA LEU A 68 -21.57 23.71 -9.30
C LEU A 68 -20.21 23.26 -8.73
N GLN A 69 -19.70 22.11 -9.20
CA GLN A 69 -18.32 21.72 -8.89
C GLN A 69 -17.31 22.72 -9.46
N THR A 70 -17.48 23.09 -10.74
CA THR A 70 -16.59 24.06 -11.35
C THR A 70 -16.58 25.37 -10.54
N LEU A 71 -17.76 25.91 -10.24
CA LEU A 71 -17.86 27.14 -9.45
C LEU A 71 -17.12 27.04 -8.11
N LEU A 72 -17.30 25.93 -7.40
CA LEU A 72 -16.66 25.80 -6.09
C LEU A 72 -15.14 25.73 -6.19
N GLU A 73 -14.62 25.04 -7.21
CA GLU A 73 -13.18 24.93 -7.37
C GLU A 73 -12.56 26.16 -8.02
N GLY A 74 -13.36 27.21 -8.27
CA GLY A 74 -12.88 28.40 -8.97
C GLY A 74 -13.14 29.71 -8.27
N CYS A 75 -13.85 29.70 -7.14
CA CYS A 75 -14.16 30.91 -6.40
C CYS A 75 -13.10 31.21 -5.35
N GLU A 76 -13.20 32.39 -4.78
CA GLU A 76 -12.28 32.84 -3.73
C GLU A 76 -12.79 32.40 -2.36
N LEU A 77 -11.93 32.53 -1.36
CA LEU A 77 -12.20 31.95 -0.04
C LEU A 77 -13.49 32.49 0.58
N ASP A 78 -13.75 33.78 0.47
CA ASP A 78 -14.92 34.35 1.16
C ASP A 78 -16.21 33.75 0.64
N GLN A 79 -16.30 33.48 -0.66
CA GLN A 79 -17.57 32.99 -1.18
C GLN A 79 -17.73 31.49 -0.98
N LEU A 80 -16.64 30.73 -1.08
CA LEU A 80 -16.66 29.33 -0.67
C LEU A 80 -17.23 29.17 0.74
N CYS A 81 -16.69 29.94 1.69
CA CYS A 81 -17.16 29.83 3.07
C CYS A 81 -18.60 30.27 3.22
N SER A 82 -19.02 31.22 2.39
CA SER A 82 -20.41 31.66 2.40
C SER A 82 -21.32 30.54 1.91
N PHE A 83 -20.87 29.81 0.88
CA PHE A 83 -21.65 28.68 0.38
C PHE A 83 -21.73 27.56 1.41
N ILE A 84 -20.64 27.29 2.12
CA ILE A 84 -20.63 26.24 3.12
C ILE A 84 -21.49 26.64 4.31
N ARG A 85 -21.53 27.93 4.65
CA ARG A 85 -22.38 28.35 5.75
C ARG A 85 -23.85 28.24 5.38
N ASN A 86 -24.21 28.54 4.12
CA ASN A 86 -25.60 28.54 3.72
C ASN A 86 -26.15 27.13 3.51
N SER A 87 -25.33 26.20 3.03
CA SER A 87 -25.78 24.85 2.73
C SER A 87 -25.57 23.87 3.88
N ALA A 88 -25.03 24.32 5.02
CA ALA A 88 -24.64 23.41 6.08
C ALA A 88 -25.81 22.58 6.60
N SER A 89 -27.01 23.16 6.67
CA SER A 89 -28.15 22.42 7.21
C SER A 89 -28.62 21.29 6.29
N VAL A 90 -28.30 21.36 4.99
CA VAL A 90 -28.60 20.30 4.04
C VAL A 90 -27.36 19.54 3.61
N PHE A 91 -26.22 19.80 4.25
CA PHE A 91 -24.98 19.18 3.82
C PHE A 91 -24.95 17.66 3.91
N PRO A 92 -25.46 17.01 4.99
CA PRO A 92 -25.53 15.54 4.95
C PRO A 92 -26.38 15.03 3.81
N ALA A 93 -27.45 15.74 3.44
CA ALA A 93 -28.29 15.26 2.36
C ALA A 93 -27.58 15.44 1.02
N ILE A 94 -26.89 16.56 0.83
CA ILE A 94 -26.07 16.73 -0.36
C ILE A 94 -25.01 15.64 -0.43
N ALA A 95 -24.37 15.34 0.71
CA ALA A 95 -23.21 14.46 0.73
C ALA A 95 -23.58 13.01 0.47
N MET A 96 -24.84 12.63 0.69
CA MET A 96 -25.30 11.26 0.52
C MET A 96 -26.03 11.07 -0.79
N ASP A 97 -26.02 12.07 -1.66
CA ASP A 97 -26.58 11.95 -2.99
C ASP A 97 -25.50 11.51 -3.97
N ARG A 98 -25.90 10.77 -5.02
CA ARG A 98 -24.87 10.25 -5.92
C ARG A 98 -24.21 11.35 -6.73
N SER A 99 -24.90 12.47 -7.00
CA SER A 99 -24.23 13.61 -7.63
C SER A 99 -23.74 14.63 -6.60
N GLY A 100 -24.54 14.96 -5.59
CA GLY A 100 -24.17 15.98 -4.63
C GLY A 100 -22.93 15.64 -3.80
N SER A 101 -22.56 14.35 -3.73
CA SER A 101 -21.37 14.00 -2.96
C SER A 101 -20.10 14.51 -3.63
N HIS A 102 -20.09 14.62 -4.95
CA HIS A 102 -18.93 15.22 -5.61
C HIS A 102 -18.92 16.72 -5.42
N VAL A 103 -20.11 17.32 -5.24
CA VAL A 103 -20.19 18.74 -4.88
C VAL A 103 -19.64 18.97 -3.49
N ALA A 104 -20.03 18.12 -2.52
CA ALA A 104 -19.51 18.26 -1.17
C ALA A 104 -18.00 18.10 -1.15
N GLU A 105 -17.47 17.14 -1.92
CA GLU A 105 -16.02 16.93 -1.98
C GLU A 105 -15.33 18.06 -2.70
N SER A 106 -15.99 18.69 -3.67
CA SER A 106 -15.41 19.84 -4.36
C SER A 106 -15.31 21.04 -3.40
N ALA A 107 -16.33 21.24 -2.54
CA ALA A 107 -16.21 22.27 -1.51
C ALA A 107 -15.02 21.99 -0.61
N LEU A 108 -14.81 20.70 -0.27
CA LEU A 108 -13.69 20.34 0.60
C LEU A 108 -12.34 20.47 -0.10
N LYS A 109 -12.24 20.01 -1.36
CA LYS A 109 -10.98 20.18 -2.10
C LYS A 109 -10.60 21.66 -2.22
N SER A 110 -11.60 22.52 -2.40
CA SER A 110 -11.34 23.94 -2.60
C SER A 110 -10.92 24.61 -1.30
N LEU A 111 -11.62 24.31 -0.21
CA LEU A 111 -11.18 24.68 1.13
C LEU A 111 -9.74 24.28 1.37
N ALA A 112 -9.36 23.06 0.96
CA ALA A 112 -8.01 22.56 1.22
C ALA A 112 -6.94 23.38 0.48
N THR A 113 -7.28 24.03 -0.63
CA THR A 113 -6.29 24.81 -1.35
C THR A 113 -5.79 26.00 -0.53
N HIS A 114 -6.58 26.48 0.44
CA HIS A 114 -6.18 27.59 1.30
C HIS A 114 -5.50 27.14 2.60
N LEU A 115 -5.19 25.85 2.75
CA LEU A 115 -4.56 25.37 3.97
C LEU A 115 -3.28 26.13 4.27
N GLU A 116 -2.40 26.25 3.28
CA GLU A 116 -1.07 26.80 3.52
C GLU A 116 -1.09 28.33 3.69
N ASN A 117 -2.26 28.97 3.63
CA ASN A 117 -2.39 30.40 3.85
C ASN A 117 -2.62 30.64 5.34
N PRO A 118 -1.65 31.21 6.08
CA PRO A 118 -1.88 31.46 7.51
C PRO A 118 -3.07 32.36 7.78
N ASP A 119 -3.38 33.29 6.87
CA ASP A 119 -4.48 34.23 7.09
C ASP A 119 -5.85 33.58 6.97
N ALA A 120 -5.93 32.31 6.60
CA ALA A 120 -7.21 31.63 6.42
C ALA A 120 -7.55 30.66 7.54
N TYR A 121 -6.65 30.44 8.52
CA TYR A 121 -6.86 29.42 9.53
C TYR A 121 -8.26 29.50 10.18
N SER A 122 -8.63 30.65 10.73
CA SER A 122 -9.91 30.74 11.45
C SER A 122 -11.10 30.70 10.50
N VAL A 123 -10.93 31.14 9.26
CA VAL A 123 -12.05 31.09 8.32
C VAL A 123 -12.31 29.64 7.81
N ILE A 124 -11.26 28.84 7.63
CA ILE A 124 -11.41 27.42 7.31
C ILE A 124 -12.00 26.65 8.51
N GLU A 125 -11.50 26.94 9.71
CA GLU A 125 -12.01 26.29 10.91
C GLU A 125 -13.50 26.56 11.11
N GLU A 126 -13.93 27.80 10.88
CA GLU A 126 -15.34 28.12 10.98
C GLU A 126 -16.16 27.33 9.95
N ALA A 127 -15.62 27.17 8.73
CA ALA A 127 -16.31 26.39 7.72
C ALA A 127 -16.37 24.92 8.14
N LEU A 128 -15.22 24.34 8.49
CA LEU A 128 -15.21 22.96 9.00
C LEU A 128 -16.21 22.77 10.15
N HIS A 129 -16.34 23.76 11.03
CA HIS A 129 -17.19 23.62 12.19
C HIS A 129 -18.67 23.53 11.80
N SER A 130 -19.11 24.37 10.84
CA SER A 130 -20.49 24.28 10.36
C SER A 130 -20.78 22.87 9.87
N ILE A 131 -19.82 22.30 9.18
CA ILE A 131 -20.00 20.99 8.57
C ILE A 131 -19.96 19.90 9.64
N CYS A 132 -18.94 19.95 10.52
CA CYS A 132 -18.81 18.88 11.51
C CYS A 132 -19.99 18.89 12.48
N LYS A 133 -20.55 20.08 12.73
CA LYS A 133 -21.66 20.19 13.67
C LYS A 133 -22.91 19.51 13.12
N VAL A 134 -23.24 19.76 11.85
CA VAL A 134 -24.43 19.15 11.28
C VAL A 134 -24.23 17.65 11.08
N ILE A 135 -23.01 17.21 10.80
CA ILE A 135 -22.76 15.78 10.66
C ILE A 135 -22.83 15.09 12.04
N VAL A 136 -22.12 15.65 13.03
CA VAL A 136 -22.05 15.00 14.34
C VAL A 136 -23.42 14.91 15.00
N ASP A 137 -24.36 15.76 14.58
CA ASP A 137 -25.71 15.69 15.14
C ASP A 137 -26.45 14.41 14.75
N ASN A 138 -26.04 13.74 13.63
CA ASN A 138 -26.67 12.53 13.10
C ASN A 138 -25.76 11.79 12.12
N PRO A 139 -24.77 11.03 12.60
CA PRO A 139 -23.71 10.57 11.70
C PRO A 139 -23.83 9.18 11.08
N LEU A 140 -24.62 8.27 11.65
CA LEU A 140 -24.44 6.85 11.33
C LEU A 140 -24.98 6.47 9.94
N ASP A 141 -25.95 7.17 9.40
CA ASP A 141 -26.32 6.82 8.03
C ASP A 141 -25.35 7.41 7.01
N MET A 142 -24.81 8.60 7.28
CA MET A 142 -23.77 9.13 6.44
C MET A 142 -22.53 8.24 6.44
N MET A 143 -22.13 7.74 7.62
CA MET A 143 -20.96 6.86 7.69
C MET A 143 -21.16 5.62 6.82
N CYS A 144 -22.36 5.05 6.83
CA CYS A 144 -22.67 3.81 6.11
C CYS A 144 -23.10 4.03 4.67
N ASN A 145 -23.32 5.27 4.25
CA ASN A 145 -23.78 5.55 2.89
C ASN A 145 -22.63 5.42 1.91
N CYS A 146 -22.90 4.84 0.74
CA CYS A 146 -21.79 4.64 -0.21
C CYS A 146 -21.20 5.96 -0.73
N TYR A 147 -21.99 7.04 -0.80
CA TYR A 147 -21.45 8.34 -1.21
C TYR A 147 -20.95 9.14 -0.01
N GLY A 148 -21.75 9.19 1.07
CA GLY A 148 -21.40 10.00 2.22
C GLY A 148 -20.10 9.59 2.87
N SER A 149 -19.76 8.31 2.80
CA SER A 149 -18.53 7.87 3.43
C SER A 149 -17.30 8.34 2.68
N HIS A 150 -17.44 8.70 1.39
CA HIS A 150 -16.33 9.36 0.70
C HIS A 150 -16.18 10.79 1.18
N VAL A 151 -17.29 11.51 1.33
CA VAL A 151 -17.24 12.86 1.88
C VAL A 151 -16.63 12.85 3.28
N LEU A 152 -17.02 11.88 4.12
CA LEU A 152 -16.51 11.84 5.49
C LEU A 152 -15.01 11.57 5.53
N ARG A 153 -14.54 10.65 4.68
CA ARG A 153 -13.12 10.34 4.61
C ARG A 153 -12.31 11.55 4.18
N ARG A 154 -12.79 12.30 3.18
CA ARG A 154 -12.13 13.54 2.80
C ARG A 154 -12.18 14.57 3.93
N LEU A 155 -13.32 14.66 4.63
CA LEU A 155 -13.46 15.65 5.68
C LEU A 155 -12.52 15.37 6.84
N LEU A 156 -12.46 14.11 7.29
CA LEU A 156 -11.47 13.71 8.28
C LEU A 156 -10.05 14.07 7.85
N CYS A 157 -9.72 13.88 6.58
CA CYS A 157 -8.38 14.25 6.14
C CYS A 157 -8.16 15.76 6.27
N LEU A 158 -9.15 16.56 5.89
CA LEU A 158 -8.96 18.01 5.89
C LEU A 158 -8.76 18.54 7.30
N CYS A 159 -9.61 18.12 8.24
CA CYS A 159 -9.44 18.43 9.67
C CYS A 159 -8.05 18.10 10.17
N LYS A 160 -7.41 17.08 9.58
CA LYS A 160 -6.05 16.66 9.91
C LYS A 160 -5.01 17.49 9.16
N GLY A 161 -5.43 18.34 8.22
CA GLY A 161 -4.53 19.13 7.42
C GLY A 161 -3.94 18.42 6.23
N VAL A 162 -4.29 17.16 6.02
CA VAL A 162 -3.94 16.45 4.78
C VAL A 162 -4.88 16.92 3.67
N SER A 163 -4.29 17.47 2.61
CA SER A 163 -5.05 17.89 1.44
C SER A 163 -4.80 17.01 0.23
N LEU A 164 -3.90 16.04 0.34
CA LEU A 164 -3.31 15.32 -0.79
C LEU A 164 -3.82 13.88 -0.75
N ASP A 165 -4.63 13.51 -1.76
CA ASP A 165 -5.23 12.19 -1.76
C ASP A 165 -4.16 11.13 -1.69
N SER A 166 -4.24 10.29 -0.68
CA SER A 166 -3.35 9.15 -0.53
C SER A 166 -4.23 7.91 -0.57
N PRO A 167 -4.25 7.14 -1.67
CA PRO A 167 -5.01 5.88 -1.70
C PRO A 167 -4.81 4.99 -0.47
N GLU A 168 -3.67 5.15 0.23
CA GLU A 168 -3.45 4.42 1.48
C GLU A 168 -4.38 4.92 2.59
N LEU A 169 -4.64 6.24 2.66
CA LEU A 169 -5.54 6.77 3.67
C LEU A 169 -7.01 6.45 3.37
N TYR A 170 -7.39 6.39 2.09
CA TYR A 170 -8.77 6.13 1.68
C TYR A 170 -9.10 4.64 1.59
N GLY A 171 -8.15 3.76 1.92
CA GLY A 171 -8.38 2.34 2.15
C GLY A 171 -7.77 1.38 1.14
N ALA A 172 -7.07 1.87 0.12
CA ALA A 172 -6.61 1.03 -0.98
C ALA A 172 -5.25 0.41 -0.68
N LYS A 173 -4.95 -0.68 -1.40
CA LYS A 173 -3.64 -1.30 -1.38
C LYS A 173 -2.64 -0.46 -2.18
N SER A 174 -1.36 -0.71 -1.94
CA SER A 174 -0.29 -0.17 -2.79
C SER A 174 0.96 -1.00 -2.59
N SER A 175 1.96 -0.75 -3.45
CA SER A 175 3.29 -1.35 -3.26
C SER A 175 4.00 -0.80 -2.03
N LYS A 176 3.65 0.41 -1.56
CA LYS A 176 4.33 0.96 -0.39
C LYS A 176 3.94 0.21 0.88
N ALA A 177 2.65 -0.11 1.04
CA ALA A 177 2.20 -0.85 2.22
C ALA A 177 2.76 -2.27 2.23
N LEU A 178 2.92 -2.86 1.04
CA LEU A 178 3.47 -4.20 0.92
C LEU A 178 4.95 -4.23 1.30
N ALA A 179 5.70 -3.19 0.93
CA ALA A 179 7.08 -3.08 1.38
C ALA A 179 7.15 -3.03 2.90
N LYS A 180 6.39 -2.11 3.50
CA LYS A 180 6.42 -1.95 4.96
C LYS A 180 6.12 -3.26 5.66
N ARG A 181 5.03 -3.92 5.24
CA ARG A 181 4.62 -5.17 5.88
C ARG A 181 5.70 -6.25 5.78
N LEU A 182 6.56 -6.17 4.76
CA LEU A 182 7.59 -7.16 4.52
C LEU A 182 9.00 -6.67 4.80
N ASN A 183 9.18 -5.39 5.17
CA ASN A 183 10.50 -4.78 5.34
C ASN A 183 11.30 -4.84 4.03
N LEU A 184 10.89 -3.99 3.07
CA LEU A 184 11.61 -3.87 1.80
C LEU A 184 11.68 -2.41 1.33
N PRO A 197 4.39 19.00 7.43
CA PRO A 197 3.05 18.54 7.79
C PRO A 197 2.20 19.60 8.50
N HIS A 198 1.11 20.01 7.86
CA HIS A 198 0.24 21.07 8.36
C HIS A 198 -0.32 20.72 9.73
N GLN A 199 -0.43 21.72 10.61
CA GLN A 199 -0.97 21.48 11.95
C GLN A 199 -2.37 20.89 11.88
N GLY A 200 -3.17 21.34 10.90
CA GLY A 200 -4.55 20.93 10.81
C GLY A 200 -5.40 21.62 11.87
N PHE A 201 -6.47 20.93 12.27
CA PHE A 201 -7.45 21.45 13.21
C PHE A 201 -7.67 20.34 14.23
N PRO A 202 -6.70 20.16 15.14
CA PRO A 202 -6.73 18.98 16.01
C PRO A 202 -8.02 18.84 16.77
N GLY A 203 -8.53 19.94 17.34
CA GLY A 203 -9.78 19.89 18.07
C GLY A 203 -10.99 19.61 17.22
N MET A 204 -10.93 19.95 15.93
CA MET A 204 -12.02 19.64 15.02
C MET A 204 -11.98 18.17 14.62
N LEU A 205 -10.77 17.63 14.43
CA LEU A 205 -10.65 16.21 14.13
C LEU A 205 -11.14 15.38 15.31
N THR A 206 -10.74 15.76 16.52
CA THR A 206 -11.18 15.06 17.73
C THR A 206 -12.69 15.21 17.92
N TYR A 207 -13.21 16.43 17.73
CA TYR A 207 -14.64 16.65 17.88
C TYR A 207 -15.44 15.81 16.89
N LEU A 208 -15.08 15.90 15.60
CA LEU A 208 -15.79 15.14 14.57
C LEU A 208 -15.73 13.65 14.84
N LEU A 209 -14.56 13.14 15.22
CA LEU A 209 -14.39 11.70 15.41
C LEU A 209 -15.08 11.21 16.68
N SER A 210 -15.11 12.02 17.74
CA SER A 210 -15.93 11.66 18.89
C SER A 210 -17.40 11.51 18.51
N GLY A 211 -17.90 12.39 17.65
CA GLY A 211 -19.26 12.24 17.16
C GLY A 211 -19.48 10.99 16.34
N LEU A 212 -18.48 10.58 15.56
CA LEU A 212 -18.64 9.35 14.79
C LEU A 212 -18.62 8.09 15.67
N LEU A 213 -18.08 8.18 16.90
CA LEU A 213 -17.92 6.99 17.71
C LEU A 213 -18.80 6.96 18.94
N SER A 214 -19.69 7.93 19.12
CA SER A 214 -20.51 8.00 20.34
C SER A 214 -21.91 7.47 20.03
N CYS A 215 -21.94 6.17 19.85
CA CYS A 215 -23.15 5.42 19.62
C CYS A 215 -23.13 4.22 20.55
N SER A 216 -24.27 3.57 20.68
CA SER A 216 -24.35 2.41 21.56
C SER A 216 -23.33 1.35 21.12
N ARG A 217 -22.92 0.51 22.07
CA ARG A 217 -22.10 -0.65 21.72
C ARG A 217 -22.78 -1.51 20.68
N GLU A 218 -24.10 -1.52 20.68
CA GLU A 218 -24.82 -2.37 19.73
C GLU A 218 -24.79 -1.77 18.33
N ASP A 219 -24.87 -0.43 18.22
CA ASP A 219 -24.66 0.22 16.92
C ASP A 219 -23.24 0.00 16.44
N MET A 220 -22.25 0.16 17.34
CA MET A 220 -20.86 -0.06 16.98
C MET A 220 -20.62 -1.44 16.41
N LYS A 221 -21.38 -2.45 16.88
CA LYS A 221 -21.16 -3.81 16.41
C LYS A 221 -21.51 -3.93 14.95
N TYR A 222 -22.39 -3.08 14.45
CA TYR A 222 -22.74 -3.18 13.04
C TYR A 222 -21.96 -2.20 12.16
N LEU A 223 -21.48 -1.10 12.73
CA LEU A 223 -20.44 -0.32 12.08
C LEU A 223 -19.19 -1.17 11.77
N GLN A 224 -18.82 -2.10 12.66
CA GLN A 224 -17.64 -2.93 12.44
C GLN A 224 -17.73 -3.75 11.16
N VAL A 225 -18.93 -4.17 10.75
CA VAL A 225 -19.11 -5.13 9.65
C VAL A 225 -19.81 -4.50 8.45
N ASP A 226 -19.97 -3.19 8.42
CA ASP A 226 -20.52 -2.49 7.26
C ASP A 226 -19.36 -1.93 6.46
N GLN A 227 -19.40 -2.13 5.15
CA GLN A 227 -18.24 -1.80 4.31
C GLN A 227 -17.85 -0.34 4.43
N TYR A 228 -18.83 0.57 4.38
CA TYR A 228 -18.51 1.99 4.28
C TYR A 228 -18.21 2.63 5.63
N SER A 229 -18.84 2.20 6.72
CA SER A 229 -18.42 2.75 8.00
C SER A 229 -17.03 2.25 8.39
N SER A 230 -16.73 0.99 8.07
CA SER A 230 -15.37 0.45 8.24
C SER A 230 -14.34 1.29 7.47
N LEU A 231 -14.64 1.66 6.22
CA LEU A 231 -13.71 2.49 5.46
C LEU A 231 -13.51 3.85 6.14
N VAL A 232 -14.58 4.41 6.72
CA VAL A 232 -14.45 5.69 7.41
C VAL A 232 -13.55 5.56 8.64
N LEU A 233 -13.79 4.53 9.46
CA LEU A 233 -12.97 4.35 10.66
C LEU A 233 -11.54 3.98 10.31
N GLN A 234 -11.31 3.32 9.18
CA GLN A 234 -9.94 3.07 8.74
C GLN A 234 -9.21 4.38 8.50
N THR A 235 -9.79 5.27 7.70
CA THR A 235 -9.23 6.59 7.46
C THR A 235 -8.91 7.34 8.75
N ALA A 236 -9.87 7.37 9.70
CA ALA A 236 -9.63 8.10 10.96
C ALA A 236 -8.49 7.48 11.76
N LEU A 237 -8.42 6.15 11.80
CA LEU A 237 -7.34 5.50 12.54
C LEU A 237 -5.98 5.89 11.95
N ARG A 238 -5.85 5.77 10.63
CA ARG A 238 -4.60 6.08 9.94
C ARG A 238 -4.18 7.54 10.18
N LEU A 239 -5.15 8.46 10.31
CA LEU A 239 -4.82 9.86 10.59
C LEU A 239 -4.38 10.06 12.04
N MET A 240 -4.79 9.20 12.96
CA MET A 240 -4.38 9.33 14.36
C MET A 240 -3.09 8.58 14.66
N LEU A 241 -2.39 8.10 13.63
CA LEU A 241 -1.14 7.38 13.81
C LEU A 241 -0.18 8.19 14.69
N LYS A 242 0.31 7.54 15.76
CA LYS A 242 1.29 8.05 16.71
C LYS A 242 0.70 9.06 17.70
N GLN A 243 -0.62 9.20 17.73
CA GLN A 243 -1.31 9.99 18.73
C GLN A 243 -1.84 9.06 19.83
N ASP A 244 -0.89 8.56 20.65
CA ASP A 244 -1.21 7.49 21.60
C ASP A 244 -2.34 7.88 22.55
N GLU A 245 -2.35 9.12 23.05
CA GLU A 245 -3.39 9.49 24.01
C GLU A 245 -4.79 9.38 23.41
N GLN A 246 -4.91 9.69 22.12
CA GLN A 246 -6.18 9.60 21.40
C GLN A 246 -6.48 8.17 20.96
N LEU A 247 -5.49 7.48 20.38
CA LEU A 247 -5.69 6.11 19.94
C LEU A 247 -6.16 5.21 21.08
N LEU A 248 -5.74 5.51 22.31
CA LEU A 248 -6.14 4.73 23.48
C LEU A 248 -7.58 5.02 23.91
N GLU A 249 -8.15 6.14 23.51
CA GLU A 249 -9.58 6.43 23.68
C GLU A 249 -10.41 5.83 22.53
N ILE A 250 -9.90 5.90 21.31
CA ILE A 250 -10.66 5.53 20.12
C ILE A 250 -10.83 4.03 20.00
N ILE A 251 -9.71 3.29 20.05
CA ILE A 251 -9.76 1.88 19.69
C ILE A 251 -10.64 1.06 20.63
N PRO A 252 -10.60 1.23 21.95
CA PRO A 252 -11.57 0.53 22.80
C PRO A 252 -13.02 0.79 22.40
N LEU A 253 -13.33 2.01 21.98
CA LEU A 253 -14.67 2.31 21.48
C LEU A 253 -15.02 1.47 20.25
N ILE A 254 -14.11 1.41 19.27
CA ILE A 254 -14.36 0.67 18.03
C ILE A 254 -14.52 -0.82 18.30
N LEU A 255 -13.73 -1.36 19.25
CA LEU A 255 -13.73 -2.78 19.58
C LEU A 255 -14.73 -3.14 20.68
N ARG A 256 -15.39 -2.14 21.27
CA ARG A 256 -16.50 -2.32 22.21
C ARG A 256 -16.04 -2.91 23.55
N CYS A 257 -14.98 -2.35 24.13
CA CYS A 257 -14.52 -2.91 25.41
C CYS A 257 -14.06 -1.80 26.36
N ASN A 258 -15.03 -1.11 26.94
CA ASN A 258 -14.80 -0.04 27.90
C ASN A 258 -15.18 -0.50 29.32
N GLY A 266 -6.35 1.31 32.68
CA GLY A 266 -5.69 0.27 31.89
C GLY A 266 -6.59 -0.31 30.80
N PHE A 267 -6.01 -0.67 29.66
CA PHE A 267 -6.77 -1.22 28.55
C PHE A 267 -6.89 -2.73 28.70
N HIS A 268 -8.14 -3.22 28.75
CA HIS A 268 -8.41 -4.62 29.03
C HIS A 268 -9.52 -5.11 28.09
N ILE A 269 -9.35 -6.31 27.55
CA ILE A 269 -10.38 -6.95 26.75
C ILE A 269 -10.95 -8.10 27.58
N GLU A 270 -12.23 -8.03 27.89
CA GLU A 270 -12.84 -9.10 28.64
C GLU A 270 -13.02 -10.33 27.77
N THR A 271 -13.21 -11.47 28.44
CA THR A 271 -13.29 -12.76 27.76
C THR A 271 -14.39 -12.77 26.70
N ASN A 272 -15.57 -12.23 27.03
CA ASN A 272 -16.69 -12.30 26.08
C ASN A 272 -16.52 -11.30 24.93
N VAL A 273 -15.93 -10.13 25.21
CA VAL A 273 -15.65 -9.18 24.14
C VAL A 273 -14.59 -9.73 23.20
N ALA A 274 -13.56 -10.38 23.76
CA ALA A 274 -12.54 -10.98 22.91
C ALA A 274 -13.12 -12.08 22.05
N LYS A 275 -14.10 -12.82 22.58
CA LYS A 275 -14.75 -13.86 21.80
C LYS A 275 -15.53 -13.25 20.64
N GLU A 276 -16.14 -12.08 20.87
CA GLU A 276 -16.94 -11.42 19.85
C GLU A 276 -16.07 -10.83 18.76
N ILE A 277 -14.97 -10.15 19.15
CA ILE A 277 -13.97 -9.68 18.20
C ILE A 277 -13.48 -10.83 17.33
N LEU A 278 -13.18 -11.98 17.94
CA LEU A 278 -12.61 -13.09 17.19
C LEU A 278 -13.58 -13.66 16.17
N GLU A 279 -14.89 -13.73 16.50
CA GLU A 279 -15.88 -14.29 15.57
C GLU A 279 -16.22 -13.35 14.44
N SER A 280 -16.01 -12.05 14.61
CA SER A 280 -16.22 -11.12 13.50
C SER A 280 -15.01 -11.04 12.60
N MET A 281 -13.91 -11.68 12.95
CA MET A 281 -12.63 -11.44 12.32
C MET A 281 -12.55 -11.97 10.89
N LYS A 282 -13.42 -12.90 10.50
CA LYS A 282 -13.44 -13.41 9.13
C LYS A 282 -14.31 -12.58 8.21
N ASP A 283 -15.00 -11.58 8.76
CA ASP A 283 -15.86 -10.73 7.96
C ASP A 283 -15.02 -9.80 7.08
N ASN A 284 -15.45 -9.61 5.84
CA ASN A 284 -14.68 -8.78 4.91
C ASN A 284 -14.37 -7.40 5.51
N SER A 285 -15.40 -6.62 5.81
CA SER A 285 -15.21 -5.26 6.28
C SER A 285 -14.43 -5.21 7.59
N PHE A 286 -14.85 -5.99 8.60
CA PHE A 286 -14.14 -5.93 9.86
C PHE A 286 -12.66 -6.27 9.69
N SER A 287 -12.35 -7.28 8.87
CA SER A 287 -10.96 -7.69 8.71
C SER A 287 -10.09 -6.53 8.22
N HIS A 288 -10.60 -5.75 7.27
CA HIS A 288 -9.85 -4.57 6.86
C HIS A 288 -9.63 -3.61 8.03
N LEU A 289 -10.64 -3.46 8.90
CA LEU A 289 -10.50 -2.53 10.02
C LEU A 289 -9.46 -3.00 11.04
N VAL A 290 -9.47 -4.29 11.38
CA VAL A 290 -8.50 -4.75 12.38
C VAL A 290 -7.08 -4.66 11.82
N GLU A 291 -6.90 -4.85 10.51
CA GLU A 291 -5.60 -4.59 9.89
C GLU A 291 -5.06 -3.21 10.23
N VAL A 292 -5.92 -2.20 10.19
CA VAL A 292 -5.45 -0.84 10.45
C VAL A 292 -5.29 -0.61 11.96
N ILE A 293 -6.14 -1.22 12.78
CA ILE A 293 -5.96 -1.15 14.23
C ILE A 293 -4.59 -1.71 14.62
N LEU A 294 -4.24 -2.87 14.05
CA LEU A 294 -2.94 -3.46 14.36
C LEU A 294 -1.78 -2.58 13.89
N GLU A 295 -1.96 -1.85 12.78
CA GLU A 295 -0.90 -0.99 12.22
C GLU A 295 -0.65 0.26 13.07
N VAL A 296 -1.66 0.75 13.81
CA VAL A 296 -1.52 1.99 14.56
C VAL A 296 -1.58 1.77 16.07
N ALA A 297 -1.85 0.56 16.53
CA ALA A 297 -2.04 0.33 17.95
C ALA A 297 -0.76 0.60 18.75
N PRO A 298 -0.84 1.33 19.86
CA PRO A 298 0.31 1.42 20.78
C PRO A 298 0.65 0.06 21.38
N GLU A 299 1.80 0.00 22.06
CA GLU A 299 2.33 -1.28 22.51
C GLU A 299 1.39 -1.96 23.51
N SER A 300 0.97 -1.22 24.54
CA SER A 300 0.05 -1.77 25.55
C SER A 300 -1.17 -2.40 24.90
N LEU A 301 -1.69 -1.77 23.84
CA LEU A 301 -2.91 -2.22 23.22
C LEU A 301 -2.65 -3.37 22.24
N TYR A 302 -1.53 -3.33 21.51
CA TYR A 302 -1.14 -4.48 20.69
C TYR A 302 -1.03 -5.74 21.54
N ASN A 303 -0.34 -5.66 22.68
CA ASN A 303 -0.09 -6.87 23.45
C ASN A 303 -1.39 -7.47 23.94
N GLU A 304 -2.30 -6.63 24.43
CA GLU A 304 -3.58 -7.14 24.92
C GLU A 304 -4.36 -7.85 23.82
N MET A 305 -4.33 -7.31 22.60
CA MET A 305 -5.04 -7.94 21.48
C MET A 305 -4.36 -9.23 21.03
N PHE A 306 -3.03 -9.25 21.04
CA PHE A 306 -2.28 -10.48 20.77
C PHE A 306 -2.75 -11.60 21.71
N ASN A 307 -2.71 -11.36 23.03
CA ASN A 307 -2.97 -12.43 23.99
C ASN A 307 -4.46 -12.78 24.05
N LYS A 308 -5.33 -11.78 24.19
CA LYS A 308 -6.74 -12.08 24.42
C LYS A 308 -7.53 -12.42 23.16
N VAL A 309 -7.05 -12.13 21.96
CA VAL A 309 -7.84 -12.35 20.75
C VAL A 309 -7.22 -13.40 19.83
N PHE A 310 -5.92 -13.35 19.61
CA PHE A 310 -5.29 -14.15 18.56
C PHE A 310 -4.50 -15.35 19.04
N LYS A 311 -4.07 -15.37 20.32
CA LYS A 311 -3.00 -16.23 20.81
C LYS A 311 -3.24 -17.73 20.63
N ASN A 312 -4.42 -18.21 20.25
CA ASN A 312 -4.47 -19.64 19.94
C ASN A 312 -5.38 -19.91 18.76
N SER A 313 -5.52 -18.92 17.87
CA SER A 313 -6.34 -19.04 16.67
C SER A 313 -5.57 -18.60 15.44
N LEU A 314 -4.25 -18.42 15.57
CA LEU A 314 -3.45 -17.90 14.46
C LEU A 314 -3.58 -18.77 13.21
N PHE A 315 -3.51 -20.08 13.34
CA PHE A 315 -3.60 -20.88 12.11
C PHE A 315 -4.99 -20.85 11.53
N GLU A 316 -6.03 -20.92 12.37
CA GLU A 316 -7.39 -20.96 11.82
C GLU A 316 -7.72 -19.67 11.09
N LEU A 317 -7.31 -18.53 11.65
CA LEU A 317 -7.46 -17.24 10.98
C LEU A 317 -6.58 -17.14 9.73
N SER A 318 -5.42 -17.81 9.72
CA SER A 318 -4.53 -17.73 8.57
C SER A 318 -5.07 -18.45 7.34
N VAL A 319 -6.07 -19.31 7.48
CA VAL A 319 -6.62 -20.02 6.33
C VAL A 319 -7.95 -19.43 5.88
N ASP A 320 -8.33 -18.26 6.40
CA ASP A 320 -9.55 -17.60 5.98
C ASP A 320 -9.26 -16.63 4.83
N ARG A 321 -10.22 -16.51 3.89
CA ARG A 321 -10.09 -15.54 2.79
C ARG A 321 -9.68 -14.16 3.30
N CYS A 322 -10.32 -13.71 4.37
CA CYS A 322 -10.14 -12.36 4.87
C CYS A 322 -9.21 -12.27 6.06
N ALA A 323 -9.35 -13.20 7.02
CA ALA A 323 -8.65 -13.05 8.29
C ALA A 323 -7.13 -13.19 8.13
N ASN A 324 -6.67 -13.87 7.08
CA ASN A 324 -5.23 -14.10 6.98
C ASN A 324 -4.47 -12.78 6.84
N PHE A 325 -5.08 -11.78 6.20
CA PHE A 325 -4.44 -10.47 6.13
C PHE A 325 -4.38 -9.82 7.51
N VAL A 326 -5.34 -10.11 8.39
CA VAL A 326 -5.23 -9.64 9.77
C VAL A 326 -4.00 -10.27 10.42
N ILE A 327 -3.79 -11.56 10.18
CA ILE A 327 -2.61 -12.24 10.70
C ILE A 327 -1.34 -11.66 10.11
N GLN A 328 -1.31 -11.40 8.80
CA GLN A 328 -0.16 -10.71 8.22
C GLN A 328 0.11 -9.39 8.95
N ALA A 329 -0.96 -8.65 9.28
CA ALA A 329 -0.78 -7.39 10.00
C ALA A 329 -0.39 -7.65 11.46
N LEU A 330 -0.96 -8.69 12.08
CA LEU A 330 -0.54 -9.07 13.41
C LEU A 330 0.95 -9.41 13.44
N ILE A 331 1.41 -10.27 12.52
CA ILE A 331 2.80 -10.69 12.48
C ILE A 331 3.73 -9.50 12.28
N SER A 332 3.43 -8.65 11.29
CA SER A 332 4.32 -7.54 10.95
C SER A 332 4.55 -6.58 12.10
N HIS A 333 3.67 -6.55 13.08
CA HIS A 333 3.76 -5.54 14.12
C HIS A 333 4.06 -6.12 15.51
N ALA A 334 4.54 -7.37 15.57
CA ALA A 334 4.94 -7.96 16.83
C ALA A 334 6.10 -7.16 17.46
N ARG A 335 6.10 -7.08 18.79
CA ARG A 335 7.08 -6.29 19.52
C ARG A 335 8.29 -7.08 20.04
N ASP A 336 8.11 -8.29 20.56
CA ASP A 336 9.21 -8.96 21.25
C ASP A 336 9.31 -10.43 20.85
N GLN A 337 10.36 -11.07 21.37
CA GLN A 337 10.72 -12.43 20.94
C GLN A 337 9.80 -13.48 21.53
N GLU A 338 9.18 -13.21 22.68
CA GLU A 338 8.19 -14.14 23.20
C GLU A 338 7.06 -14.33 22.19
N GLN A 339 6.58 -13.22 21.63
CA GLN A 339 5.52 -13.28 20.61
C GLN A 339 5.98 -14.01 19.36
N MET A 340 7.24 -13.83 18.96
CA MET A 340 7.73 -14.54 17.78
C MET A 340 7.65 -16.05 18.00
N GLY A 341 8.08 -16.53 19.17
CA GLY A 341 8.02 -17.95 19.45
C GLY A 341 6.62 -18.51 19.39
N ILE A 342 5.65 -17.81 19.99
CA ILE A 342 4.23 -18.20 19.91
C ILE A 342 3.76 -18.24 18.46
N MET A 343 4.06 -17.19 17.69
CA MET A 343 3.67 -17.21 16.28
C MET A 343 4.37 -18.35 15.54
N TRP A 344 5.65 -18.57 15.85
CA TRP A 344 6.40 -19.67 15.23
C TRP A 344 5.73 -21.01 15.50
N GLU A 345 5.36 -21.28 16.76
CA GLU A 345 4.83 -22.59 17.13
C GLU A 345 3.52 -22.90 16.40
N GLU A 346 2.61 -21.93 16.33
CA GLU A 346 1.31 -22.21 15.73
C GLU A 346 1.35 -22.29 14.22
N LEU A 347 2.29 -21.59 13.59
CA LEU A 347 2.30 -21.39 12.14
C LEU A 347 3.35 -22.20 11.40
N ALA A 348 4.57 -22.32 11.94
CA ALA A 348 5.67 -22.93 11.21
C ALA A 348 5.47 -24.41 10.88
N PRO A 349 4.94 -25.25 11.78
CA PRO A 349 4.55 -26.61 11.37
C PRO A 349 3.54 -26.63 10.25
N ARG A 350 2.89 -25.50 9.95
CA ARG A 350 1.82 -25.44 8.96
C ARG A 350 2.19 -24.65 7.73
N PHE A 351 3.48 -24.29 7.56
CA PHE A 351 3.92 -23.60 6.34
C PHE A 351 3.41 -24.30 5.09
N LYS A 352 3.56 -25.62 5.01
CA LYS A 352 3.14 -26.32 3.78
C LYS A 352 1.66 -26.06 3.50
N ASP A 353 0.81 -26.15 4.52
CA ASP A 353 -0.61 -25.85 4.35
C ASP A 353 -0.81 -24.42 3.83
N LEU A 354 -0.07 -23.47 4.40
CA LEU A 354 -0.24 -22.07 4.04
C LEU A 354 0.15 -21.82 2.58
N LEU A 355 1.21 -22.46 2.10
CA LEU A 355 1.56 -22.33 0.69
C LEU A 355 0.57 -23.06 -0.20
N GLU A 356 0.20 -24.29 0.18
CA GLU A 356 -0.77 -25.08 -0.56
C GLU A 356 -2.11 -24.35 -0.72
N GLN A 357 -2.58 -23.70 0.36
CA GLN A 357 -3.90 -23.08 0.39
C GLN A 357 -3.89 -21.61 -0.06
N GLY A 358 -2.81 -21.14 -0.68
CA GLY A 358 -2.79 -19.81 -1.25
C GLY A 358 -2.49 -18.69 -0.29
N LYS A 359 -1.90 -18.98 0.86
CA LYS A 359 -1.67 -17.99 1.90
C LYS A 359 -0.17 -17.72 2.05
N SER A 360 0.52 -17.59 0.91
CA SER A 360 1.96 -17.30 0.90
C SER A 360 2.32 -16.04 1.67
N GLY A 361 1.41 -15.06 1.73
CA GLY A 361 1.72 -13.81 2.41
C GLY A 361 1.86 -13.96 3.92
N VAL A 362 1.21 -14.95 4.52
CA VAL A 362 1.41 -15.20 5.94
C VAL A 362 2.83 -15.69 6.20
N VAL A 363 3.31 -16.64 5.36
CA VAL A 363 4.68 -17.11 5.46
C VAL A 363 5.65 -15.95 5.26
N ALA A 364 5.43 -15.16 4.20
CA ALA A 364 6.31 -14.03 3.91
C ALA A 364 6.41 -13.08 5.09
N SER A 365 5.28 -12.80 5.75
CA SER A 365 5.28 -11.88 6.91
C SER A 365 6.05 -12.46 8.08
N LEU A 366 5.89 -13.77 8.32
CA LEU A 366 6.60 -14.40 9.43
C LEU A 366 8.11 -14.38 9.20
N ILE A 367 8.55 -14.74 7.99
CA ILE A 367 9.97 -14.70 7.65
C ILE A 367 10.53 -13.29 7.80
N ALA A 368 9.77 -12.27 7.36
CA ALA A 368 10.29 -10.91 7.37
C ALA A 368 10.43 -10.34 8.77
N VAL A 369 9.60 -10.80 9.73
CA VAL A 369 9.66 -10.24 11.08
C VAL A 369 10.69 -10.98 11.95
N SER A 370 10.98 -12.26 11.66
CA SER A 370 12.07 -12.92 12.37
C SER A 370 13.38 -12.19 12.13
N GLN A 371 13.49 -11.49 11.00
CA GLN A 371 14.66 -10.69 10.68
C GLN A 371 14.77 -9.47 11.58
N ARG A 372 13.66 -8.74 11.74
CA ARG A 372 13.66 -7.53 12.55
C ARG A 372 13.69 -7.84 14.04
N LEU A 373 13.06 -8.93 14.46
CA LEU A 373 13.13 -9.28 15.88
C LEU A 373 14.38 -10.08 16.23
N GLN A 374 15.11 -10.53 15.22
CA GLN A 374 16.33 -11.30 15.41
C GLN A 374 16.06 -12.54 16.27
N SER A 375 15.06 -13.31 15.85
CA SER A 375 14.67 -14.55 16.52
C SER A 375 14.09 -15.52 15.51
N HIS A 376 14.50 -16.79 15.62
CA HIS A 376 14.00 -17.88 14.79
C HIS A 376 14.37 -17.73 13.33
N GLU A 377 15.39 -16.90 13.02
CA GLU A 377 15.89 -16.78 11.65
C GLU A 377 16.11 -18.16 11.03
N ASN A 378 17.03 -18.93 11.59
CA ASN A 378 17.35 -20.22 10.99
C ASN A 378 16.16 -21.16 11.03
N LYS A 379 15.39 -21.14 12.12
CA LYS A 379 14.22 -22.01 12.16
C LYS A 379 13.25 -21.70 11.02
N CYS A 380 13.13 -20.41 10.67
CA CYS A 380 12.22 -19.98 9.61
C CYS A 380 12.70 -20.43 8.23
N CYS A 381 13.99 -20.23 7.95
CA CYS A 381 14.55 -20.68 6.67
C CYS A 381 14.40 -22.19 6.51
N GLU A 382 14.68 -22.95 7.57
CA GLU A 382 14.60 -24.40 7.49
C GLU A 382 13.17 -24.88 7.37
N ALA A 383 12.23 -24.21 8.02
CA ALA A 383 10.83 -24.59 7.90
C ALA A 383 10.32 -24.37 6.48
N LEU A 384 10.71 -23.26 5.85
CA LEU A 384 10.24 -22.99 4.50
C LEU A 384 10.75 -24.04 3.51
N VAL A 385 12.05 -24.40 3.58
CA VAL A 385 12.57 -25.50 2.76
C VAL A 385 11.76 -26.77 2.97
N GLY A 386 11.64 -27.20 4.25
CA GLY A 386 10.92 -28.41 4.58
C GLY A 386 9.49 -28.43 4.08
N ALA A 387 8.87 -27.25 3.94
CA ALA A 387 7.51 -27.19 3.42
C ALA A 387 7.43 -27.29 1.90
N VAL A 388 8.50 -26.95 1.19
CA VAL A 388 8.45 -27.01 -0.28
C VAL A 388 9.13 -28.29 -0.76
N CYS A 389 10.06 -28.82 0.05
CA CYS A 389 10.87 -29.97 -0.32
C CYS A 389 10.77 -31.03 0.78
N SER A 390 9.98 -32.07 0.51
CA SER A 390 9.80 -33.16 1.47
C SER A 390 11.06 -33.99 1.62
N THR A 391 11.59 -34.47 0.50
CA THR A 391 12.67 -35.45 0.50
C THR A 391 14.01 -34.75 0.37
N ASN A 392 15.06 -35.38 0.92
CA ASN A 392 16.41 -34.82 0.87
C ASN A 392 16.79 -34.44 -0.56
N GLU A 393 16.35 -35.24 -1.55
CA GLU A 393 16.80 -35.05 -2.92
C GLU A 393 16.21 -33.77 -3.53
N SER A 394 14.93 -33.51 -3.26
CA SER A 394 14.23 -32.36 -3.85
C SER A 394 14.76 -30.99 -3.37
N ARG A 395 15.55 -30.92 -2.28
CA ARG A 395 15.97 -29.64 -1.71
C ARG A 395 16.90 -28.82 -2.61
N ILE A 396 17.60 -29.43 -3.56
CA ILE A 396 18.27 -28.65 -4.59
C ILE A 396 17.28 -27.83 -5.44
N SER A 397 15.99 -28.12 -5.38
CA SER A 397 15.03 -27.45 -6.24
C SER A 397 14.20 -26.40 -5.49
N ILE A 398 14.71 -25.85 -4.39
CA ILE A 398 13.91 -24.93 -3.60
C ILE A 398 13.64 -23.63 -4.37
N LEU A 399 14.64 -23.12 -5.10
CA LEU A 399 14.44 -21.89 -5.86
C LEU A 399 13.37 -22.01 -6.95
N PRO A 400 13.45 -22.95 -7.90
CA PRO A 400 12.41 -22.98 -8.93
C PRO A 400 11.02 -23.16 -8.36
N ARG A 401 10.85 -24.03 -7.35
CA ARG A 401 9.52 -24.27 -6.82
C ARG A 401 8.94 -23.03 -6.15
N LEU A 402 9.79 -22.17 -5.58
CA LEU A 402 9.33 -20.92 -4.97
C LEU A 402 9.19 -19.80 -5.99
N LEU A 403 10.01 -19.78 -7.04
CA LEU A 403 9.79 -18.83 -8.12
C LEU A 403 8.43 -19.05 -8.77
N PHE A 404 8.01 -20.31 -8.94
CA PHE A 404 6.70 -20.60 -9.50
C PHE A 404 5.77 -21.27 -8.48
N LEU A 405 5.55 -20.68 -7.29
CA LEU A 405 4.79 -21.31 -6.22
C LEU A 405 3.49 -21.93 -6.70
N ASP A 406 2.70 -21.19 -7.49
CA ASP A 406 1.36 -21.67 -7.85
C ASP A 406 1.41 -22.78 -8.89
N TYR A 407 2.41 -22.79 -9.78
CA TYR A 407 2.53 -23.91 -10.70
C TYR A 407 3.00 -25.18 -10.00
N TYR A 408 3.91 -25.07 -9.02
CA TYR A 408 4.38 -26.27 -8.34
C TYR A 408 3.29 -26.89 -7.47
N PHE A 409 2.61 -26.08 -6.67
CA PHE A 409 1.56 -26.64 -5.83
C PHE A 409 0.32 -27.00 -6.65
N GLY A 410 0.10 -26.33 -7.76
CA GLY A 410 -1.07 -26.63 -8.56
C GLY A 410 -0.91 -27.78 -9.55
N CYS A 411 0.28 -28.34 -9.69
CA CYS A 411 0.45 -29.29 -10.78
C CYS A 411 -0.03 -30.69 -10.36
N ARG A 412 -0.32 -31.50 -11.37
CA ARG A 412 -0.78 -32.86 -11.13
C ARG A 412 0.29 -33.66 -10.40
N ASP A 413 1.46 -33.83 -11.04
CA ASP A 413 2.53 -34.69 -10.56
C ASP A 413 3.67 -33.82 -10.02
N LYS A 414 3.87 -33.84 -8.70
CA LYS A 414 4.85 -32.95 -8.06
C LYS A 414 6.25 -33.56 -8.03
N SER A 415 6.35 -34.89 -8.05
CA SER A 415 7.67 -35.53 -8.04
C SER A 415 8.40 -35.39 -9.37
N THR A 416 7.72 -34.92 -10.42
CA THR A 416 8.36 -34.69 -11.72
C THR A 416 8.14 -33.26 -12.20
N TRP A 417 7.93 -32.31 -11.29
CA TRP A 417 7.80 -30.92 -11.65
C TRP A 417 9.18 -30.26 -11.62
N GLU A 418 9.50 -29.52 -12.66
CA GLU A 418 10.80 -28.90 -12.80
C GLU A 418 10.74 -27.40 -13.04
N TRP A 419 9.85 -26.93 -13.91
CA TRP A 419 9.86 -25.56 -14.38
C TRP A 419 8.46 -25.24 -14.92
N ALA A 420 8.27 -23.99 -15.33
CA ALA A 420 7.06 -23.56 -15.99
C ALA A 420 7.49 -22.66 -17.14
N PRO A 421 7.84 -23.24 -18.30
CA PRO A 421 8.54 -22.48 -19.33
C PRO A 421 7.67 -21.36 -19.86
N GLY A 422 8.27 -20.17 -19.98
CA GLY A 422 7.60 -18.98 -20.45
C GLY A 422 6.63 -18.34 -19.46
N ALA A 423 6.29 -19.01 -18.37
CA ALA A 423 5.27 -18.50 -17.47
C ALA A 423 5.81 -17.33 -16.64
N LYS A 424 4.89 -16.42 -16.30
CA LYS A 424 5.18 -15.34 -15.37
C LYS A 424 5.45 -15.90 -13.98
N MET A 425 6.55 -15.47 -13.36
CA MET A 425 6.91 -16.01 -12.05
C MET A 425 6.02 -15.41 -10.97
N HIS A 426 6.09 -16.01 -9.78
CA HIS A 426 5.09 -15.79 -8.73
C HIS A 426 5.50 -14.63 -7.87
N VAL A 427 4.61 -13.64 -7.74
CA VAL A 427 4.96 -12.39 -7.09
C VAL A 427 5.36 -12.63 -5.64
N MET A 428 4.50 -13.31 -4.87
CA MET A 428 4.80 -13.47 -3.44
C MET A 428 5.90 -14.50 -3.19
N GLY A 429 5.99 -15.55 -4.01
CA GLY A 429 7.14 -16.43 -3.93
C GLY A 429 8.44 -15.66 -4.06
N CYS A 430 8.52 -14.76 -5.05
CA CYS A 430 9.74 -13.98 -5.24
C CYS A 430 9.96 -12.99 -4.11
N LEU A 431 8.90 -12.42 -3.53
CA LEU A 431 9.07 -11.56 -2.36
C LEU A 431 9.66 -12.34 -1.18
N ILE A 432 9.12 -13.53 -0.91
CA ILE A 432 9.67 -14.40 0.13
C ILE A 432 11.17 -14.57 -0.06
N LEU A 433 11.59 -14.75 -1.32
CA LEU A 433 12.99 -15.00 -1.66
C LEU A 433 13.84 -13.75 -1.52
N GLN A 434 13.31 -12.57 -1.89
CA GLN A 434 13.98 -11.32 -1.58
C GLN A 434 14.24 -11.18 -0.08
N GLY A 435 13.29 -11.62 0.74
CA GLY A 435 13.51 -11.60 2.18
C GLY A 435 14.53 -12.63 2.61
N ILE A 436 14.42 -13.86 2.09
CA ILE A 436 15.36 -14.93 2.44
C ILE A 436 16.80 -14.46 2.25
N PHE A 437 17.07 -13.70 1.19
CA PHE A 437 18.45 -13.36 0.87
C PHE A 437 18.98 -12.17 1.67
N LYS A 438 18.24 -11.70 2.67
CA LYS A 438 18.74 -10.72 3.63
C LYS A 438 19.10 -11.35 4.97
N PHE A 439 18.86 -12.64 5.14
CA PHE A 439 19.42 -13.33 6.30
C PHE A 439 20.94 -13.45 6.14
N SER A 440 21.60 -13.76 7.25
CA SER A 440 23.00 -14.14 7.18
C SER A 440 23.14 -15.41 6.34
N SER A 441 24.27 -15.52 5.64
CA SER A 441 24.49 -16.66 4.78
C SER A 441 24.47 -17.98 5.55
N ASP A 442 24.76 -17.96 6.86
CA ASP A 442 24.71 -19.18 7.67
C ASP A 442 23.36 -19.87 7.61
N HIS A 443 22.27 -19.09 7.53
CA HIS A 443 20.92 -19.62 7.59
C HIS A 443 20.35 -19.99 6.23
N ILE A 444 20.98 -19.58 5.15
CA ILE A 444 20.31 -19.69 3.85
C ILE A 444 21.12 -20.53 2.86
N GLN A 445 21.98 -21.43 3.34
CA GLN A 445 22.85 -22.18 2.43
C GLN A 445 22.07 -23.04 1.43
N PRO A 446 20.99 -23.72 1.79
CA PRO A 446 20.22 -24.40 0.74
C PRO A 446 19.72 -23.44 -0.34
N TYR A 447 19.54 -22.16 -0.01
CA TYR A 447 19.04 -21.19 -0.96
C TYR A 447 20.14 -20.71 -1.90
N ILE A 448 21.33 -20.42 -1.36
CA ILE A 448 22.44 -20.00 -2.20
C ILE A 448 22.84 -21.12 -3.16
N THR A 449 22.92 -22.35 -2.65
CA THR A 449 23.32 -23.49 -3.47
C THR A 449 22.30 -23.75 -4.56
N SER A 450 21.02 -23.73 -4.21
CA SER A 450 19.94 -23.94 -5.18
C SER A 450 19.95 -22.87 -6.28
N LEU A 451 20.13 -21.60 -5.91
CA LEU A 451 20.09 -20.55 -6.94
C LEU A 451 21.33 -20.61 -7.82
N THR A 452 22.52 -20.68 -7.21
CA THR A 452 23.76 -20.66 -7.99
C THR A 452 23.96 -21.94 -8.79
N SER A 453 23.14 -22.97 -8.61
CA SER A 453 23.35 -24.19 -9.36
C SER A 453 22.27 -24.44 -10.40
N MET A 454 21.33 -23.51 -10.57
CA MET A 454 20.37 -23.57 -11.67
C MET A 454 21.11 -23.47 -13.01
N LYS A 455 20.62 -24.20 -14.00
CA LYS A 455 21.26 -24.16 -15.31
C LYS A 455 21.01 -22.81 -15.97
N ALA A 456 21.92 -22.46 -16.89
CA ALA A 456 21.95 -21.13 -17.50
C ALA A 456 20.61 -20.74 -18.15
N GLU A 457 19.91 -21.70 -18.76
CA GLU A 457 18.62 -21.38 -19.37
C GLU A 457 17.62 -20.90 -18.33
N TYR A 458 17.65 -21.51 -17.13
CA TYR A 458 16.73 -21.11 -16.06
C TYR A 458 17.15 -19.78 -15.41
N ILE A 459 18.46 -19.53 -15.28
CA ILE A 459 18.90 -18.28 -14.67
C ILE A 459 18.59 -17.09 -15.59
N THR A 460 18.78 -17.27 -16.90
CA THR A 460 18.47 -16.19 -17.82
C THR A 460 16.98 -15.94 -17.90
N GLU A 461 16.17 -17.00 -17.84
CA GLU A 461 14.73 -16.83 -17.76
C GLU A 461 14.34 -16.04 -16.52
N THR A 462 15.02 -16.30 -15.39
CA THR A 462 14.71 -15.59 -14.14
C THR A 462 15.04 -14.10 -14.26
N ALA A 463 16.13 -13.74 -14.94
CA ALA A 463 16.50 -12.34 -15.01
C ALA A 463 15.58 -11.57 -15.94
N LYS A 464 15.00 -12.24 -16.92
CA LYS A 464 14.11 -11.62 -17.89
C LYS A 464 12.69 -11.45 -17.35
N ASP A 465 12.43 -11.96 -16.15
CA ASP A 465 11.12 -11.89 -15.52
C ASP A 465 11.15 -10.79 -14.48
N SER A 466 10.06 -10.03 -14.39
CA SER A 466 10.11 -8.79 -13.63
C SER A 466 10.11 -9.03 -12.13
N SER A 467 9.62 -10.18 -11.66
CA SER A 467 9.79 -10.60 -10.28
C SER A 467 11.10 -11.37 -10.09
N GLY A 468 11.51 -12.17 -11.07
CA GLY A 468 12.72 -12.95 -10.91
C GLY A 468 13.98 -12.12 -10.83
N ALA A 469 14.03 -11.00 -11.55
CA ALA A 469 15.19 -10.12 -11.47
C ALA A 469 15.40 -9.58 -10.06
N ARG A 470 14.32 -9.42 -9.29
CA ARG A 470 14.46 -8.92 -7.92
C ARG A 470 15.05 -9.99 -6.99
N VAL A 471 14.75 -11.27 -7.27
CA VAL A 471 15.41 -12.36 -6.54
C VAL A 471 16.91 -12.35 -6.80
N ILE A 472 17.31 -12.28 -8.07
CA ILE A 472 18.73 -12.25 -8.43
C ILE A 472 19.42 -11.06 -7.77
N GLU A 473 18.80 -9.87 -7.87
CA GLU A 473 19.41 -8.67 -7.31
C GLU A 473 19.52 -8.76 -5.80
N ALA A 474 18.55 -9.43 -5.16
CA ALA A 474 18.63 -9.59 -3.70
C ALA A 474 19.77 -10.51 -3.33
N PHE A 475 20.02 -11.52 -4.17
CA PHE A 475 21.17 -12.41 -3.97
C PHE A 475 22.49 -11.68 -4.19
N LEU A 476 22.56 -10.84 -5.21
CA LEU A 476 23.79 -10.11 -5.47
C LEU A 476 24.15 -9.16 -4.34
N ALA A 477 23.15 -8.70 -3.60
CA ALA A 477 23.39 -7.80 -2.47
C ALA A 477 23.50 -8.55 -1.15
N SER A 478 23.36 -9.88 -1.16
CA SER A 478 23.48 -10.69 0.05
C SER A 478 24.95 -10.85 0.43
N ASP A 479 25.19 -11.50 1.58
CA ASP A 479 26.56 -11.80 2.00
C ASP A 479 26.97 -13.21 1.61
N ALA A 480 26.37 -13.75 0.55
CA ALA A 480 26.94 -14.92 -0.13
C ALA A 480 28.33 -14.57 -0.65
N ALA A 481 29.11 -15.60 -0.96
CA ALA A 481 30.51 -15.36 -1.29
C ALA A 481 30.64 -14.76 -2.69
N THR A 482 31.76 -14.07 -2.93
CA THR A 482 32.04 -13.53 -4.26
C THR A 482 32.10 -14.62 -5.32
N LYS A 483 32.81 -15.72 -5.03
CA LYS A 483 32.86 -16.83 -5.98
C LYS A 483 31.45 -17.35 -6.30
N GLN A 484 30.54 -17.34 -5.32
CA GLN A 484 29.17 -17.78 -5.56
C GLN A 484 28.38 -16.78 -6.41
N LYS A 485 28.56 -15.48 -6.16
CA LYS A 485 27.92 -14.47 -7.02
C LYS A 485 28.46 -14.54 -8.43
N ARG A 486 29.79 -14.62 -8.57
CA ARG A 486 30.39 -14.64 -9.90
C ARG A 486 29.91 -15.84 -10.71
N ARG A 487 29.64 -16.97 -10.06
CA ARG A 487 29.22 -18.16 -10.79
C ARG A 487 27.84 -17.96 -11.42
N LEU A 488 26.95 -17.26 -10.73
CA LEU A 488 25.66 -16.93 -11.32
C LEU A 488 25.81 -15.93 -12.46
N ILE A 489 26.61 -14.89 -12.24
CA ILE A 489 26.77 -13.87 -13.27
C ILE A 489 27.29 -14.50 -14.55
N ILE A 490 28.20 -15.47 -14.44
CA ILE A 490 28.84 -16.02 -15.63
C ILE A 490 27.83 -16.81 -16.46
N LYS A 491 26.81 -17.40 -15.81
CA LYS A 491 25.80 -18.10 -16.58
C LYS A 491 24.89 -17.15 -17.37
N LEU A 492 24.88 -15.87 -17.02
CA LEU A 492 24.12 -14.89 -17.79
C LEU A 492 24.86 -14.46 -19.05
N ARG A 493 26.10 -14.91 -19.27
CA ARG A 493 26.87 -14.48 -20.43
C ARG A 493 26.14 -14.88 -21.70
N GLY A 494 26.18 -13.99 -22.69
CA GLY A 494 25.43 -14.20 -23.91
C GLY A 494 24.03 -13.64 -23.88
N HIS A 495 23.61 -13.02 -22.77
CA HIS A 495 22.26 -12.52 -22.60
C HIS A 495 22.19 -11.12 -22.02
N PHE A 496 23.32 -10.48 -21.73
CA PHE A 496 23.23 -9.15 -21.16
C PHE A 496 22.64 -8.15 -22.14
N GLY A 497 22.86 -8.36 -23.44
CA GLY A 497 22.26 -7.50 -24.46
C GLY A 497 20.75 -7.52 -24.38
N GLU A 498 20.14 -8.71 -24.53
CA GLU A 498 18.70 -8.85 -24.41
C GLU A 498 18.19 -8.36 -23.06
N LEU A 499 18.92 -8.64 -21.98
CA LEU A 499 18.56 -8.17 -20.65
C LEU A 499 18.52 -6.64 -20.59
N SER A 500 19.51 -5.97 -21.18
CA SER A 500 19.58 -4.52 -21.09
C SER A 500 18.37 -3.84 -21.74
N LEU A 501 17.72 -4.51 -22.71
CA LEU A 501 16.60 -3.90 -23.42
C LEU A 501 15.34 -3.87 -22.54
N HIS A 502 15.09 -4.93 -21.76
CA HIS A 502 14.06 -4.90 -20.72
C HIS A 502 14.31 -3.74 -19.76
N THR A 503 13.25 -3.02 -19.42
CA THR A 503 13.39 -1.98 -18.41
C THR A 503 13.84 -2.57 -17.08
N SER A 504 13.27 -3.72 -16.71
CA SER A 504 13.62 -4.39 -15.47
C SER A 504 15.00 -5.05 -15.56
N GLY A 505 15.22 -5.83 -16.63
CA GLY A 505 16.54 -6.45 -16.83
C GLY A 505 17.69 -5.47 -16.86
N SER A 506 17.43 -4.21 -17.22
CA SER A 506 18.50 -3.22 -17.26
C SER A 506 19.09 -2.98 -15.88
N PHE A 507 18.27 -3.09 -14.83
CA PHE A 507 18.80 -2.97 -13.47
C PHE A 507 19.68 -4.15 -13.12
N THR A 508 19.32 -5.35 -13.57
CA THR A 508 20.11 -6.54 -13.27
C THR A 508 21.48 -6.49 -13.93
N VAL A 509 21.53 -6.05 -15.19
CA VAL A 509 22.81 -5.87 -15.87
C VAL A 509 23.73 -4.98 -15.05
N GLU A 510 23.21 -3.85 -14.56
CA GLU A 510 24.07 -2.92 -13.86
C GLU A 510 24.57 -3.51 -12.55
N LYS A 511 23.68 -4.18 -11.81
CA LYS A 511 24.06 -4.80 -10.53
C LYS A 511 25.05 -5.93 -10.74
N CYS A 512 24.94 -6.66 -11.86
CA CYS A 512 25.94 -7.68 -12.21
C CYS A 512 27.28 -7.03 -12.53
N PHE A 513 27.26 -5.99 -13.39
CA PHE A 513 28.47 -5.26 -13.73
C PHE A 513 29.22 -4.80 -12.48
N ASP A 514 28.50 -4.21 -11.51
CA ASP A 514 29.15 -3.70 -10.32
C ASP A 514 29.85 -4.79 -9.54
N ALA A 515 29.31 -6.02 -9.55
CA ALA A 515 29.82 -7.14 -8.77
C ALA A 515 30.98 -7.85 -9.44
N CYS A 516 31.36 -7.47 -10.66
CA CYS A 516 32.27 -8.25 -11.48
C CYS A 516 33.71 -7.79 -11.41
N ASN A 517 34.60 -8.68 -11.81
CA ASN A 517 36.00 -8.38 -12.04
C ASN A 517 36.16 -7.72 -13.41
N LEU A 518 37.38 -7.31 -13.77
CA LEU A 518 37.60 -6.68 -15.08
C LEU A 518 37.22 -7.57 -16.24
N THR A 519 37.41 -8.89 -16.11
CA THR A 519 37.17 -9.78 -17.26
C THR A 519 35.69 -9.80 -17.63
N LEU A 520 34.81 -9.86 -16.64
CA LEU A 520 33.39 -9.93 -16.94
C LEU A 520 32.80 -8.54 -17.16
N ARG A 521 33.42 -7.51 -16.58
CA ARG A 521 33.04 -6.14 -16.93
C ARG A 521 33.27 -5.88 -18.42
N GLU A 522 34.39 -6.35 -18.95
CA GLU A 522 34.63 -6.15 -20.36
C GLU A 522 33.74 -7.04 -21.21
N ALA A 523 33.32 -8.19 -20.68
CA ALA A 523 32.42 -9.08 -21.41
C ALA A 523 31.04 -8.46 -21.53
N ILE A 524 30.52 -7.93 -20.42
CA ILE A 524 29.20 -7.29 -20.42
C ILE A 524 29.20 -6.07 -21.31
N ALA A 525 30.30 -5.31 -21.32
CA ALA A 525 30.38 -4.13 -22.18
C ALA A 525 30.28 -4.52 -23.65
N SER A 526 31.04 -5.53 -24.07
CA SER A 526 30.94 -6.03 -25.45
C SER A 526 29.52 -6.42 -25.81
N GLU A 527 28.81 -7.11 -24.91
CA GLU A 527 27.44 -7.50 -25.19
C GLU A 527 26.52 -6.30 -25.26
N LEU A 528 26.69 -5.32 -24.37
CA LEU A 528 25.91 -4.09 -24.48
C LEU A 528 26.34 -3.28 -25.71
N LEU A 529 27.58 -3.45 -26.15
CA LEU A 529 28.05 -2.71 -27.32
C LEU A 529 27.41 -3.24 -28.60
N ASP A 530 27.09 -4.54 -28.65
CA ASP A 530 26.45 -5.11 -29.85
C ASP A 530 24.98 -4.72 -29.98
N VAL A 531 24.42 -3.91 -29.07
CA VAL A 531 23.02 -3.52 -29.12
C VAL A 531 22.89 -2.04 -28.76
N LYS A 532 23.97 -1.27 -28.97
CA LYS A 532 23.93 0.14 -28.61
C LYS A 532 22.86 0.89 -29.39
N VAL A 533 22.55 0.45 -30.61
CA VAL A 533 21.51 1.08 -31.41
C VAL A 533 20.15 0.93 -30.74
N ASP A 534 19.72 -0.31 -30.53
CA ASP A 534 18.46 -0.57 -29.84
C ASP A 534 18.47 -0.03 -28.41
N LEU A 535 19.58 -0.19 -27.69
CA LEU A 535 19.61 0.21 -26.30
C LEU A 535 19.38 1.71 -26.14
N SER A 536 19.95 2.53 -27.03
CA SER A 536 19.78 3.98 -26.90
C SER A 536 18.34 4.43 -27.10
N LYS A 537 17.52 3.62 -27.80
CA LYS A 537 16.11 3.92 -28.07
C LYS A 537 15.17 3.31 -27.04
N THR A 538 15.59 3.21 -25.77
CA THR A 538 14.72 2.71 -24.70
C THR A 538 14.85 3.65 -23.50
N LYS A 539 13.90 3.54 -22.56
CA LYS A 539 13.84 4.50 -21.46
C LYS A 539 15.09 4.42 -20.60
N GLN A 540 15.56 3.21 -20.28
CA GLN A 540 16.70 3.01 -19.40
C GLN A 540 18.01 2.84 -20.15
N GLY A 541 17.99 2.82 -21.49
CA GLY A 541 19.17 2.63 -22.29
C GLY A 541 20.26 3.68 -22.10
N PRO A 542 19.96 4.95 -22.42
CA PRO A 542 20.92 6.03 -22.13
C PRO A 542 21.62 5.93 -20.77
N TYR A 543 20.87 5.75 -19.68
CA TYR A 543 21.51 5.65 -18.37
C TYR A 543 22.49 4.48 -18.31
N LEU A 544 22.14 3.36 -18.94
CA LEU A 544 22.99 2.17 -18.88
C LEU A 544 24.27 2.36 -19.69
N LEU A 545 24.16 3.01 -20.85
CA LEU A 545 25.34 3.26 -21.66
C LEU A 545 26.25 4.29 -21.01
N ARG A 546 25.70 5.17 -20.19
CA ARG A 546 26.51 6.17 -19.49
C ARG A 546 27.23 5.55 -18.29
N LYS A 547 26.49 4.85 -17.42
CA LYS A 547 27.07 4.34 -16.17
C LYS A 547 28.15 3.30 -16.44
N LEU A 548 27.99 2.50 -17.49
CA LEU A 548 29.03 1.55 -17.87
C LEU A 548 30.04 2.14 -18.86
N ASP A 549 29.76 3.34 -19.38
CA ASP A 549 30.68 4.07 -20.26
C ASP A 549 30.96 3.28 -21.55
N ILE A 550 29.88 2.80 -22.19
CA ILE A 550 30.06 1.89 -23.33
C ILE A 550 30.72 2.62 -24.50
N ASP A 551 30.50 3.93 -24.63
CA ASP A 551 31.12 4.70 -25.70
C ASP A 551 32.65 4.70 -25.55
N GLY A 552 33.16 4.92 -24.33
CA GLY A 552 34.60 4.89 -24.10
C GLY A 552 35.25 3.53 -24.23
N TYR A 553 34.49 2.45 -24.02
CA TYR A 553 35.01 1.11 -24.30
C TYR A 553 35.22 0.91 -25.80
N ALA A 554 34.31 1.45 -26.62
CA ALA A 554 34.38 1.25 -28.07
C ALA A 554 35.53 2.04 -28.68
N SER A 555 35.75 3.28 -28.22
CA SER A 555 36.73 4.16 -28.85
C SER A 555 38.12 4.05 -28.23
N ARG A 556 38.20 4.00 -26.90
CA ARG A 556 39.49 3.99 -26.19
C ARG A 556 39.52 2.84 -25.19
N PRO A 557 39.59 1.59 -25.69
CA PRO A 557 39.47 0.44 -24.78
C PRO A 557 40.58 0.33 -23.74
N ASP A 558 41.78 0.79 -24.03
CA ASP A 558 42.85 0.75 -23.03
C ASP A 558 42.52 1.63 -21.83
N GLN A 559 42.06 2.86 -22.08
CA GLN A 559 41.73 3.79 -21.00
C GLN A 559 40.49 3.35 -20.22
N TRP A 560 39.54 2.69 -20.89
CA TRP A 560 38.37 2.16 -20.18
C TRP A 560 38.76 1.05 -19.22
N LYS A 561 39.65 0.14 -19.65
CA LYS A 561 40.12 -0.93 -18.76
C LYS A 561 40.83 -0.36 -17.54
N SER A 562 41.67 0.68 -17.72
CA SER A 562 42.39 1.26 -16.59
C SER A 562 41.43 1.90 -15.59
N ARG A 563 40.49 2.70 -16.06
CA ARG A 563 39.57 3.33 -15.14
C ARG A 563 38.70 2.30 -14.43
N GLN A 564 38.28 1.23 -15.14
CA GLN A 564 37.47 0.20 -14.49
C GLN A 564 38.25 -0.54 -13.42
N GLU A 565 39.54 -0.85 -13.67
CA GLU A 565 40.31 -1.59 -12.67
C GLU A 565 40.43 -0.83 -11.35
N ALA A 566 40.50 0.50 -11.41
CA ALA A 566 40.60 1.27 -10.17
C ALA A 566 39.34 1.14 -9.29
N LYS A 567 38.31 0.43 -9.72
CA LYS A 567 37.11 0.17 -8.93
C LYS A 567 36.72 -1.32 -8.98
#